data_7SNL
#
_entry.id   7SNL
#
_cell.length_a   92.260
_cell.length_b   92.260
_cell.length_c   57.980
_cell.angle_alpha   90.000
_cell.angle_beta   90.000
_cell.angle_gamma   120.000
#
_symmetry.space_group_name_H-M   'P 6'
#
loop_
_entity.id
_entity.type
_entity.pdbx_description
1 polymer 'Capsid protein p24'
2 non-polymer N-[(1S)-1-(3-{4-chloro-3-[(methanesulfonyl)amino]-1-methyl-1H-indazol-7-yl}-4-oxo-3,4-dihydropyrido[2,3-d]pyrimidin-2-yl)-2-(3,5-difluorophenyl)ethyl]-2-[3-(trifluoromethyl)-6,7-dihydro-1H-indazol-1-yl]acetamide
3 non-polymer 'IODIDE ION'
4 non-polymer 'CHLORIDE ION'
5 water water
#
_entity_poly.entity_id   1
_entity_poly.type   'polypeptide(L)'
_entity_poly.pdbx_seq_one_letter_code
;PIVQNLQGQMVHQCISPRTLNAWVKVVEEKAFSPEVIPMFSALSCGATPQDLNTMLNTVGGHQAAMQMLKETINEEAAEW
DRLHPVHAGPIAPGQMREPRGSDIAGTTSTLQEQIGWMTHNPPIPVGEIYKRWIILGLNKIVRMYSPTSILDIRQGPKEP
FRDYVDRFYKTLRAEQASQEVKNAATETLLVQNANPDCKTILKALGPGATLEEMMTACQGVGGPGHKARVL
;
_entity_poly.pdbx_strand_id   A
#
# COMPACT_ATOMS: atom_id res chain seq x y z
N PRO A 1 -1.81 -12.09 -13.89
CA PRO A 1 -2.67 -12.38 -12.73
C PRO A 1 -3.56 -13.59 -12.94
N ILE A 2 -4.38 -13.90 -11.94
CA ILE A 2 -5.34 -14.99 -12.00
C ILE A 2 -6.72 -14.36 -12.14
N VAL A 3 -7.36 -14.56 -13.28
CA VAL A 3 -8.64 -13.94 -13.60
C VAL A 3 -9.63 -15.04 -13.99
N GLN A 4 -10.85 -14.95 -13.46
CA GLN A 4 -11.93 -15.85 -13.88
C GLN A 4 -12.31 -15.53 -15.32
N ASN A 5 -12.21 -16.52 -16.20
CA ASN A 5 -12.50 -16.31 -17.62
C ASN A 5 -14.00 -16.42 -17.91
N LEU A 6 -14.34 -16.87 -19.12
CA LEU A 6 -15.75 -17.04 -19.46
C LEU A 6 -16.40 -18.10 -18.57
N GLN A 7 -15.70 -19.20 -18.31
CA GLN A 7 -16.20 -20.19 -17.38
C GLN A 7 -15.93 -19.75 -15.95
N GLY A 8 -16.37 -20.54 -14.98
CA GLY A 8 -16.17 -20.19 -13.59
C GLY A 8 -14.77 -20.43 -13.06
N GLN A 9 -13.90 -21.08 -13.84
CA GLN A 9 -12.58 -21.44 -13.35
C GLN A 9 -11.67 -20.22 -13.30
N MET A 10 -10.75 -20.23 -12.33
CA MET A 10 -9.72 -19.21 -12.22
C MET A 10 -8.50 -19.67 -13.00
N VAL A 11 -8.04 -18.84 -13.93
CA VAL A 11 -6.92 -19.18 -14.79
C VAL A 11 -5.93 -18.02 -14.84
N HIS A 12 -4.69 -18.37 -15.16
CA HIS A 12 -3.61 -17.38 -15.23
C HIS A 12 -3.61 -16.69 -16.59
N GLN A 13 -3.34 -15.40 -16.58
CA GLN A 13 -3.12 -14.63 -17.80
C GLN A 13 -1.91 -13.74 -17.61
N CYS A 14 -1.26 -13.41 -18.71
CA CYS A 14 -0.06 -12.59 -18.64
C CYS A 14 -0.39 -11.17 -18.20
N ILE A 15 0.55 -10.55 -17.50
CA ILE A 15 0.39 -9.15 -17.10
C ILE A 15 0.46 -8.27 -18.34
N SER A 16 -0.46 -7.31 -18.44
CA SER A 16 -0.60 -6.54 -19.66
C SER A 16 0.48 -5.46 -19.75
N PRO A 17 0.86 -5.07 -20.98
CA PRO A 17 1.80 -3.94 -21.12
C PRO A 17 1.28 -2.65 -20.52
N ARG A 18 -0.04 -2.46 -20.49
CA ARG A 18 -0.60 -1.27 -19.86
C ARG A 18 -0.37 -1.29 -18.36
N THR A 19 -0.52 -2.46 -17.73
CA THR A 19 -0.27 -2.55 -16.29
C THR A 19 1.21 -2.34 -15.97
N LEU A 20 2.10 -2.92 -16.79
CA LEU A 20 3.54 -2.71 -16.59
C LEU A 20 3.90 -1.24 -16.71
N ASN A 21 3.37 -0.57 -17.74
CA ASN A 21 3.71 0.83 -17.96
C ASN A 21 3.07 1.74 -16.92
N ALA A 22 1.84 1.43 -16.50
CA ALA A 22 1.16 2.29 -15.53
C ALA A 22 1.87 2.29 -14.20
N TRP A 23 2.43 1.14 -13.79
CA TRP A 23 3.13 1.09 -12.51
C TRP A 23 4.49 1.78 -12.59
N VAL A 24 5.19 1.64 -13.71
CA VAL A 24 6.48 2.30 -13.86
C VAL A 24 6.30 3.81 -13.90
N LYS A 25 5.26 4.29 -14.58
CA LYS A 25 5.08 5.73 -14.72
C LYS A 25 4.65 6.38 -13.41
N VAL A 26 3.84 5.69 -12.61
CA VAL A 26 3.34 6.30 -11.37
C VAL A 26 4.47 6.41 -10.34
N VAL A 27 5.48 5.55 -10.43
CA VAL A 27 6.63 5.67 -9.53
C VAL A 27 7.58 6.76 -10.03
N GLU A 28 7.68 6.94 -11.35
CA GLU A 28 8.53 8.00 -11.89
C GLU A 28 7.97 9.38 -11.58
N GLU A 29 6.66 9.51 -11.54
CA GLU A 29 6.02 10.83 -11.43
C GLU A 29 5.71 11.20 -9.98
N LYS A 30 5.31 10.23 -9.15
CA LYS A 30 4.91 10.52 -7.78
C LYS A 30 5.78 9.86 -6.73
N ALA A 31 6.80 9.08 -7.13
CA ALA A 31 7.72 8.44 -6.21
C ALA A 31 7.00 7.62 -5.15
N PHE A 32 6.98 8.10 -3.91
CA PHE A 32 6.37 7.39 -2.79
C PHE A 32 5.40 8.31 -2.05
N SER A 33 4.57 9.02 -2.80
CA SER A 33 3.45 9.72 -2.21
C SER A 33 2.43 8.71 -1.69
N PRO A 34 1.62 9.10 -0.71
CA PRO A 34 0.64 8.14 -0.14
C PRO A 34 -0.27 7.50 -1.17
N GLU A 35 -0.67 8.24 -2.21
CA GLU A 35 -1.60 7.69 -3.20
C GLU A 35 -0.96 6.68 -4.13
N VAL A 36 0.35 6.44 -4.01
CA VAL A 36 1.00 5.43 -4.84
C VAL A 36 0.70 4.03 -4.32
N ILE A 37 0.43 3.89 -3.02
CA ILE A 37 0.17 2.60 -2.40
C ILE A 37 -1.15 2.03 -2.90
N PRO A 38 -2.28 2.76 -2.85
CA PRO A 38 -3.52 2.19 -3.41
C PRO A 38 -3.47 2.00 -4.91
N MET A 39 -2.68 2.82 -5.62
CA MET A 39 -2.48 2.58 -7.05
C MET A 39 -1.76 1.26 -7.29
N PHE A 40 -0.80 0.93 -6.41
CA PHE A 40 -0.10 -0.35 -6.52
C PHE A 40 -1.04 -1.51 -6.23
N SER A 41 -1.92 -1.36 -5.24
CA SER A 41 -2.84 -2.43 -4.90
C SER A 41 -3.86 -2.69 -6.00
N ALA A 42 -4.24 -1.64 -6.73
CA ALA A 42 -5.22 -1.79 -7.80
C ALA A 42 -4.58 -2.37 -9.05
N LEU A 43 -3.38 -1.91 -9.41
CA LEU A 43 -2.69 -2.46 -10.57
C LEU A 43 -2.27 -3.90 -10.38
N SER A 44 -2.09 -4.34 -9.13
CA SER A 44 -1.72 -5.71 -8.82
C SER A 44 -2.93 -6.55 -8.42
N CYS A 45 -4.11 -6.22 -8.96
CA CYS A 45 -5.32 -6.97 -8.64
C CYS A 45 -5.20 -8.40 -9.16
N GLY A 46 -5.35 -9.36 -8.25
CA GLY A 46 -5.25 -10.77 -8.62
C GLY A 46 -3.87 -11.19 -9.04
N ALA A 47 -2.84 -10.40 -8.74
CA ALA A 47 -1.50 -10.70 -9.20
C ALA A 47 -0.90 -11.88 -8.44
N THR A 48 -0.15 -12.70 -9.16
CA THR A 48 0.62 -13.78 -8.56
C THR A 48 1.88 -13.21 -7.92
N PRO A 49 2.53 -13.98 -7.03
CA PRO A 49 3.84 -13.54 -6.51
C PRO A 49 4.84 -13.22 -7.59
N GLN A 50 4.77 -13.90 -8.74
CA GLN A 50 5.66 -13.57 -9.86
C GLN A 50 5.33 -12.21 -10.43
N ASP A 51 4.04 -11.90 -10.58
CA ASP A 51 3.64 -10.59 -11.09
C ASP A 51 4.02 -9.47 -10.12
N LEU A 52 3.96 -9.74 -8.82
CA LEU A 52 4.34 -8.74 -7.83
C LEU A 52 5.83 -8.44 -7.90
N ASN A 53 6.67 -9.48 -8.00
CA ASN A 53 8.09 -9.25 -8.16
C ASN A 53 8.40 -8.57 -9.48
N THR A 54 7.59 -8.84 -10.52
CA THR A 54 7.77 -8.17 -11.79
C THR A 54 7.57 -6.66 -11.65
N MET A 55 6.47 -6.25 -11.00
CA MET A 55 6.21 -4.83 -10.82
C MET A 55 7.30 -4.17 -9.97
N LEU A 56 7.74 -4.84 -8.92
CA LEU A 56 8.78 -4.26 -8.06
C LEU A 56 10.13 -4.21 -8.77
N ASN A 57 10.40 -5.15 -9.68
CA ASN A 57 11.67 -5.16 -10.38
C ASN A 57 11.73 -4.13 -11.51
N THR A 58 10.60 -3.83 -12.15
CA THR A 58 10.59 -2.86 -13.23
C THR A 58 10.87 -1.44 -12.74
N VAL A 59 10.86 -1.21 -11.43
CA VAL A 59 11.17 0.11 -10.87
C VAL A 59 12.67 0.32 -10.95
N GLY A 60 13.10 1.26 -11.79
CA GLY A 60 14.49 1.68 -11.81
C GLY A 60 14.70 2.84 -10.85
N GLY A 61 15.81 2.80 -10.13
CA GLY A 61 16.06 3.80 -9.12
C GLY A 61 15.25 3.54 -7.86
N HIS A 62 15.37 4.47 -6.92
CA HIS A 62 14.74 4.33 -5.61
C HIS A 62 15.15 3.04 -4.92
N GLN A 63 16.36 2.55 -5.23
CA GLN A 63 16.80 1.25 -4.74
C GLN A 63 16.99 1.23 -3.22
N ALA A 64 17.23 2.40 -2.61
CA ALA A 64 17.27 2.45 -1.15
C ALA A 64 15.94 2.02 -0.56
N ALA A 65 14.84 2.50 -1.13
CA ALA A 65 13.53 2.08 -0.67
C ALA A 65 13.24 0.63 -1.04
N MET A 66 13.63 0.22 -2.26
CA MET A 66 13.38 -1.15 -2.68
C MET A 66 14.19 -2.15 -1.88
N GLN A 67 15.38 -1.75 -1.41
CA GLN A 67 16.15 -2.64 -0.53
C GLN A 67 15.51 -2.73 0.85
N MET A 68 14.97 -1.61 1.35
CA MET A 68 14.17 -1.69 2.58
C MET A 68 12.94 -2.55 2.38
N LEU A 69 12.39 -2.57 1.16
CA LEU A 69 11.28 -3.46 0.86
C LEU A 69 11.71 -4.92 0.90
N LYS A 70 12.98 -5.20 0.57
CA LYS A 70 13.50 -6.56 0.68
C LYS A 70 13.52 -7.02 2.14
N GLU A 71 14.05 -6.19 3.03
CA GLU A 71 14.19 -6.58 4.43
C GLU A 71 12.83 -6.77 5.09
N THR A 72 11.85 -5.94 4.72
CA THR A 72 10.51 -6.10 5.28
C THR A 72 9.88 -7.41 4.83
N ILE A 73 10.00 -7.73 3.53
CA ILE A 73 9.47 -9.00 3.03
C ILE A 73 10.17 -10.18 3.70
N ASN A 74 11.48 -10.05 3.95
CA ASN A 74 12.19 -11.11 4.64
C ASN A 74 11.72 -11.26 6.08
N GLU A 75 11.39 -10.14 6.74
CA GLU A 75 10.88 -10.22 8.10
C GLU A 75 9.51 -10.89 8.13
N GLU A 76 8.62 -10.51 7.20
CA GLU A 76 7.29 -11.11 7.18
C GLU A 76 7.35 -12.56 6.73
N ALA A 77 8.26 -12.89 5.82
CA ALA A 77 8.41 -14.28 5.40
C ALA A 77 8.95 -15.14 6.52
N ALA A 78 9.84 -14.60 7.35
CA ALA A 78 10.37 -15.35 8.48
C ALA A 78 9.30 -15.57 9.53
N GLU A 79 8.41 -14.60 9.72
CA GLU A 79 7.31 -14.78 10.67
C GLU A 79 6.29 -15.79 10.15
N TRP A 80 6.11 -15.87 8.83
CA TRP A 80 5.22 -16.88 8.27
C TRP A 80 5.73 -18.29 8.52
N ASP A 81 7.04 -18.49 8.37
CA ASP A 81 7.62 -19.81 8.66
C ASP A 81 7.56 -20.14 10.14
N ARG A 82 7.63 -19.12 11.00
CA ARG A 82 7.53 -19.36 12.44
C ARG A 82 6.11 -19.78 12.83
N LEU A 83 5.11 -19.30 12.11
CA LEU A 83 3.72 -19.64 12.40
C LEU A 83 3.18 -20.79 11.57
N HIS A 84 3.82 -21.11 10.44
CA HIS A 84 3.35 -22.17 9.55
C HIS A 84 4.53 -23.06 9.15
N PRO A 85 4.96 -23.94 10.05
CA PRO A 85 6.06 -24.86 9.70
C PRO A 85 5.57 -25.92 8.73
N VAL A 86 6.35 -26.15 7.68
CA VAL A 86 6.00 -27.14 6.66
C VAL A 86 6.24 -28.54 7.21
N HIS A 87 5.22 -29.38 7.15
CA HIS A 87 5.32 -30.76 7.62
C HIS A 87 5.78 -31.65 6.47
N ALA A 88 6.87 -32.38 6.68
CA ALA A 88 7.43 -33.21 5.63
C ALA A 88 6.51 -34.37 5.30
N GLY A 89 6.64 -34.88 4.08
CA GLY A 89 5.84 -35.98 3.60
C GLY A 89 5.50 -35.84 2.14
N PRO A 90 5.22 -36.96 1.48
CA PRO A 90 4.87 -36.91 0.06
C PRO A 90 3.53 -36.23 -0.17
N ILE A 91 3.49 -35.35 -1.17
CA ILE A 91 2.28 -34.60 -1.48
C ILE A 91 1.31 -35.52 -2.23
N ALA A 92 0.07 -35.58 -1.74
CA ALA A 92 -0.94 -36.42 -2.35
C ALA A 92 -1.29 -35.92 -3.75
N PRO A 93 -1.74 -36.82 -4.64
CA PRO A 93 -2.14 -36.37 -5.98
C PRO A 93 -3.26 -35.36 -5.93
N GLY A 94 -3.16 -34.34 -6.77
CA GLY A 94 -4.13 -33.25 -6.79
C GLY A 94 -3.98 -32.23 -5.69
N GLN A 95 -2.95 -32.34 -4.86
CA GLN A 95 -2.73 -31.43 -3.75
C GLN A 95 -1.46 -30.61 -3.99
N MET A 96 -1.27 -29.61 -3.14
CA MET A 96 -0.11 -28.73 -3.21
C MET A 96 0.64 -28.76 -1.90
N ARG A 97 1.96 -28.58 -1.99
CA ARG A 97 2.78 -28.51 -0.79
C ARG A 97 2.52 -27.20 -0.04
N GLU A 98 2.83 -27.22 1.25
CA GLU A 98 2.63 -26.03 2.07
C GLU A 98 3.63 -24.95 1.68
N PRO A 99 3.18 -23.72 1.43
CA PRO A 99 4.11 -22.67 1.01
C PRO A 99 4.91 -22.12 2.19
N ARG A 100 6.19 -21.88 1.94
CA ARG A 100 7.04 -21.21 2.91
C ARG A 100 6.97 -19.70 2.70
N GLY A 101 7.72 -18.96 3.53
CA GLY A 101 7.78 -17.52 3.35
C GLY A 101 8.38 -17.13 2.02
N SER A 102 9.49 -17.77 1.65
CA SER A 102 10.10 -17.50 0.35
C SER A 102 9.26 -18.03 -0.81
N ASP A 103 8.38 -19.00 -0.56
CA ASP A 103 7.47 -19.45 -1.60
C ASP A 103 6.39 -18.41 -1.88
N ILE A 104 5.88 -17.75 -0.83
CA ILE A 104 4.90 -16.70 -1.02
C ILE A 104 5.52 -15.49 -1.70
N ALA A 105 6.79 -15.21 -1.42
CA ALA A 105 7.50 -14.11 -2.07
C ALA A 105 7.97 -14.45 -3.47
N GLY A 106 7.62 -15.64 -3.99
CA GLY A 106 8.01 -16.01 -5.33
C GLY A 106 9.48 -16.32 -5.51
N THR A 107 10.20 -16.57 -4.41
CA THR A 107 11.64 -16.82 -4.49
C THR A 107 11.95 -18.29 -4.74
N THR A 108 11.29 -19.20 -4.02
CA THR A 108 11.52 -20.63 -4.16
C THR A 108 10.30 -21.35 -4.74
N SER A 109 9.41 -20.62 -5.42
CA SER A 109 8.20 -21.17 -5.97
C SER A 109 8.09 -20.85 -7.45
N THR A 110 7.60 -21.81 -8.22
CA THR A 110 7.38 -21.62 -9.65
C THR A 110 6.01 -21.01 -9.89
N LEU A 111 5.80 -20.53 -11.12
CA LEU A 111 4.50 -19.99 -11.49
C LEU A 111 3.42 -21.06 -11.42
N GLN A 112 3.76 -22.30 -11.81
CA GLN A 112 2.80 -23.39 -11.74
C GLN A 112 2.37 -23.64 -10.30
N GLU A 113 3.30 -23.57 -9.35
CA GLU A 113 2.95 -23.75 -7.95
C GLU A 113 2.08 -22.60 -7.44
N GLN A 114 2.38 -21.37 -7.88
CA GLN A 114 1.57 -20.23 -7.48
C GLN A 114 0.17 -20.31 -8.08
N ILE A 115 0.05 -20.83 -9.31
CA ILE A 115 -1.27 -21.06 -9.90
C ILE A 115 -2.03 -22.11 -9.10
N GLY A 116 -1.34 -23.17 -8.68
CA GLY A 116 -2.00 -24.21 -7.91
C GLY A 116 -2.46 -23.74 -6.54
N TRP A 117 -1.67 -22.89 -5.90
CA TRP A 117 -2.05 -22.37 -4.59
C TRP A 117 -3.23 -21.42 -4.70
N MET A 118 -3.20 -20.51 -5.68
CA MET A 118 -4.23 -19.49 -5.78
C MET A 118 -5.53 -20.03 -6.36
N THR A 119 -5.46 -21.09 -7.16
CA THR A 119 -6.65 -21.71 -7.74
C THR A 119 -7.08 -22.97 -7.00
N HIS A 120 -6.49 -23.24 -5.83
CA HIS A 120 -6.87 -24.40 -5.04
C HIS A 120 -8.27 -24.22 -4.49
N ASN A 121 -8.82 -25.31 -3.94
CA ASN A 121 -10.14 -25.30 -3.32
C ASN A 121 -10.06 -26.06 -2.01
N PRO A 122 -9.93 -25.36 -0.87
CA PRO A 122 -9.87 -23.90 -0.75
C PRO A 122 -8.54 -23.30 -1.19
N PRO A 123 -8.57 -22.07 -1.70
CA PRO A 123 -7.35 -21.45 -2.24
C PRO A 123 -6.41 -20.99 -1.13
N ILE A 124 -5.13 -20.92 -1.49
CA ILE A 124 -4.12 -20.31 -0.65
C ILE A 124 -3.70 -19.01 -1.32
N PRO A 125 -4.28 -17.86 -0.94
CA PRO A 125 -3.98 -16.62 -1.66
C PRO A 125 -2.58 -16.11 -1.41
N VAL A 126 -1.58 -16.81 -1.96
CA VAL A 126 -0.19 -16.40 -1.77
C VAL A 126 0.07 -15.04 -2.39
N GLY A 127 -0.71 -14.66 -3.40
CA GLY A 127 -0.57 -13.34 -3.98
C GLY A 127 -1.05 -12.24 -3.06
N GLU A 128 -2.18 -12.47 -2.39
CA GLU A 128 -2.69 -11.48 -1.45
C GLU A 128 -1.86 -11.45 -0.17
N ILE A 129 -1.31 -12.60 0.24
CA ILE A 129 -0.43 -12.62 1.40
C ILE A 129 0.87 -11.88 1.09
N TYR A 130 1.41 -12.08 -0.11
CA TYR A 130 2.62 -11.36 -0.51
C TYR A 130 2.35 -9.87 -0.67
N LYS A 131 1.24 -9.51 -1.32
CA LYS A 131 0.89 -8.10 -1.47
C LYS A 131 0.69 -7.42 -0.12
N ARG A 132 0.15 -8.15 0.85
CA ARG A 132 0.00 -7.60 2.19
C ARG A 132 1.36 -7.33 2.83
N TRP A 133 2.37 -8.13 2.49
CA TRP A 133 3.72 -7.86 2.98
C TRP A 133 4.34 -6.66 2.25
N ILE A 134 4.10 -6.55 0.95
CA ILE A 134 4.68 -5.47 0.17
C ILE A 134 4.07 -4.13 0.57
N ILE A 135 2.74 -4.09 0.72
CA ILE A 135 2.07 -2.86 1.09
C ILE A 135 2.50 -2.40 2.48
N LEU A 136 2.74 -3.35 3.39
CA LEU A 136 3.24 -3.00 4.71
C LEU A 136 4.61 -2.34 4.61
N GLY A 137 5.51 -2.94 3.84
CA GLY A 137 6.82 -2.33 3.65
C GLY A 137 6.77 -1.03 2.88
N LEU A 138 5.82 -0.92 1.95
CA LEU A 138 5.65 0.34 1.22
C LEU A 138 5.14 1.45 2.14
N ASN A 139 4.30 1.09 3.12
CA ASN A 139 3.82 2.10 4.07
C ASN A 139 4.95 2.60 4.96
N LYS A 140 5.90 1.74 5.31
CA LYS A 140 7.05 2.18 6.08
C LYS A 140 7.92 3.12 5.25
N ILE A 141 7.97 2.92 3.93
CA ILE A 141 8.74 3.80 3.06
C ILE A 141 8.08 5.17 2.98
N VAL A 142 6.75 5.20 2.88
CA VAL A 142 6.04 6.48 2.78
C VAL A 142 6.23 7.29 4.05
N ARG A 143 6.18 6.63 5.22
CA ARG A 143 6.38 7.34 6.47
C ARG A 143 7.82 7.81 6.64
N MET A 144 8.79 7.04 6.13
CA MET A 144 10.19 7.45 6.24
C MET A 144 10.50 8.62 5.33
N TYR A 145 9.88 8.66 4.15
CA TYR A 145 10.12 9.73 3.18
C TYR A 145 9.14 10.89 3.35
N SER A 146 8.31 10.86 4.38
CA SER A 146 7.42 11.99 4.68
C SER A 146 8.26 13.17 5.16
N PRO A 147 8.27 14.29 4.44
CA PRO A 147 9.21 15.37 4.77
C PRO A 147 8.78 16.22 5.97
N THR A 148 7.50 16.54 6.06
CA THR A 148 7.00 17.49 7.05
C THR A 148 6.23 16.77 8.15
N SER A 149 6.41 17.24 9.38
CA SER A 149 5.64 16.76 10.52
C SER A 149 4.33 17.55 10.63
N ILE A 150 3.34 16.91 11.27
CA ILE A 150 2.04 17.55 11.43
C ILE A 150 2.12 18.74 12.39
N LEU A 151 3.16 18.79 13.24
CA LEU A 151 3.31 19.89 14.17
C LEU A 151 3.76 21.18 13.49
N ASP A 152 4.32 21.09 12.29
CA ASP A 152 4.83 22.25 11.57
C ASP A 152 3.89 22.74 10.48
N ILE A 153 2.70 22.15 10.36
CA ILE A 153 1.71 22.60 9.38
C ILE A 153 0.80 23.59 10.10
N ARG A 154 1.12 24.88 9.97
CA ARG A 154 0.34 25.94 10.59
C ARG A 154 -0.20 26.87 9.50
N GLN A 155 -1.40 27.39 9.74
CA GLN A 155 -2.01 28.30 8.78
C GLN A 155 -1.31 29.65 8.80
N GLY A 156 -1.05 30.19 7.61
CA GLY A 156 -0.44 31.49 7.49
C GLY A 156 -1.41 32.60 7.84
N PRO A 157 -0.89 33.80 8.11
CA PRO A 157 -1.78 34.92 8.42
C PRO A 157 -2.71 35.28 7.28
N LYS A 158 -2.25 35.14 6.04
CA LYS A 158 -3.07 35.42 4.87
C LYS A 158 -3.46 34.16 4.11
N GLU A 159 -3.08 32.99 4.60
CA GLU A 159 -3.37 31.75 3.88
C GLU A 159 -4.85 31.41 4.01
N PRO A 160 -5.55 31.15 2.91
CA PRO A 160 -6.94 30.71 3.01
C PRO A 160 -7.05 29.41 3.80
N PHE A 161 -8.14 29.28 4.56
CA PHE A 161 -8.31 28.12 5.42
C PHE A 161 -8.41 26.82 4.61
N ARG A 162 -8.98 26.89 3.41
CA ARG A 162 -9.09 25.70 2.57
C ARG A 162 -7.72 25.17 2.18
N ASP A 163 -6.82 26.07 1.75
CA ASP A 163 -5.48 25.64 1.35
C ASP A 163 -4.70 25.07 2.53
N TYR A 164 -4.92 25.63 3.72
CA TYR A 164 -4.21 25.14 4.91
C TYR A 164 -4.70 23.75 5.30
N VAL A 165 -6.01 23.51 5.23
CA VAL A 165 -6.51 22.17 5.53
C VAL A 165 -6.03 21.17 4.50
N ASP A 166 -5.85 21.61 3.25
CA ASP A 166 -5.27 20.74 2.22
C ASP A 166 -3.87 20.29 2.64
N ARG A 167 -3.05 21.23 3.12
CA ARG A 167 -1.70 20.88 3.56
C ARG A 167 -1.72 20.06 4.85
N PHE A 168 -2.73 20.27 5.69
CA PHE A 168 -2.79 19.57 6.97
C PHE A 168 -3.03 18.08 6.77
N TYR A 169 -4.11 17.72 6.08
CA TYR A 169 -4.44 16.32 5.90
C TYR A 169 -3.58 15.64 4.84
N LYS A 170 -2.93 16.40 3.97
CA LYS A 170 -1.92 15.82 3.08
C LYS A 170 -0.72 15.33 3.89
N THR A 171 -0.23 16.17 4.82
CA THR A 171 0.83 15.74 5.71
C THR A 171 0.36 14.62 6.64
N LEU A 172 -0.88 14.73 7.13
CA LEU A 172 -1.41 13.71 8.02
C LEU A 172 -1.51 12.35 7.32
N ARG A 173 -1.79 12.35 6.02
CA ARG A 173 -1.89 11.09 5.29
C ARG A 173 -0.52 10.45 5.12
N ALA A 174 0.51 11.26 4.91
CA ALA A 174 1.86 10.72 4.77
C ALA A 174 2.38 10.18 6.10
N GLU A 175 2.18 10.93 7.18
CA GLU A 175 2.64 10.49 8.49
C GLU A 175 1.87 9.29 8.99
N GLN A 176 0.63 9.10 8.53
CA GLN A 176 -0.23 7.99 8.93
C GLN A 176 -0.39 7.92 10.45
N GLU A 187 -7.35 16.39 15.05
CA GLU A 187 -8.63 17.08 15.04
C GLU A 187 -8.53 18.44 15.71
N THR A 188 -8.23 18.44 17.02
CA THR A 188 -8.02 19.69 17.72
C THR A 188 -6.72 20.37 17.28
N LEU A 189 -5.73 19.57 16.87
CA LEU A 189 -4.49 20.14 16.34
C LEU A 189 -4.75 21.00 15.10
N LEU A 190 -5.72 20.60 14.28
CA LEU A 190 -6.11 21.42 13.14
C LEU A 190 -6.62 22.78 13.58
N VAL A 191 -7.37 22.82 14.68
CA VAL A 191 -7.85 24.10 15.20
C VAL A 191 -6.71 24.90 15.81
N GLN A 192 -5.79 24.22 16.51
CA GLN A 192 -4.70 24.92 17.17
C GLN A 192 -3.73 25.55 16.18
N ASN A 193 -3.51 24.90 15.04
CA ASN A 193 -2.53 25.36 14.06
C ASN A 193 -3.12 26.37 13.08
N ALA A 194 -4.34 26.84 13.30
CA ALA A 194 -4.91 27.88 12.46
C ALA A 194 -4.42 29.25 12.89
N ASN A 195 -4.59 30.23 12.00
CA ASN A 195 -4.17 31.59 12.31
C ASN A 195 -5.09 32.19 13.40
N PRO A 196 -4.64 33.26 14.06
CA PRO A 196 -5.47 33.82 15.15
C PRO A 196 -6.88 34.21 14.74
N ASP A 197 -7.06 34.71 13.52
CA ASP A 197 -8.39 35.15 13.10
C ASP A 197 -9.35 33.97 12.97
N CYS A 198 -8.92 32.88 12.33
CA CYS A 198 -9.79 31.72 12.17
C CYS A 198 -9.93 30.93 13.45
N LYS A 199 -8.88 30.88 14.28
CA LYS A 199 -8.97 30.14 15.54
C LYS A 199 -9.97 30.80 16.49
N THR A 200 -10.09 32.13 16.44
CA THR A 200 -11.14 32.80 17.21
C THR A 200 -12.52 32.38 16.72
N ILE A 201 -12.68 32.23 15.40
CA ILE A 201 -13.97 31.81 14.85
C ILE A 201 -14.26 30.36 15.23
N LEU A 202 -13.25 29.49 15.18
CA LEU A 202 -13.48 28.08 15.44
C LEU A 202 -13.73 27.82 16.93
N LYS A 203 -13.14 28.61 17.81
CA LYS A 203 -13.37 28.41 19.24
C LYS A 203 -14.81 28.77 19.63
N ALA A 204 -15.40 29.75 18.96
CA ALA A 204 -16.79 30.11 19.20
C ALA A 204 -17.77 29.20 18.46
N LEU A 205 -17.28 28.20 17.73
CA LEU A 205 -18.17 27.32 16.97
C LEU A 205 -18.55 26.07 17.75
N GLY A 206 -17.73 25.65 18.70
CA GLY A 206 -18.01 24.46 19.47
C GLY A 206 -17.02 23.36 19.20
N PRO A 207 -16.85 22.45 20.18
CA PRO A 207 -15.87 21.36 20.03
C PRO A 207 -16.33 20.24 19.11
N GLY A 208 -17.62 20.18 18.76
CA GLY A 208 -18.12 19.08 17.96
C GLY A 208 -18.48 19.48 16.54
N ALA A 209 -17.75 20.44 15.98
CA ALA A 209 -18.02 20.91 14.63
C ALA A 209 -17.39 19.98 13.59
N THR A 210 -18.05 19.85 12.45
CA THR A 210 -17.52 19.06 11.35
C THR A 210 -16.52 19.90 10.55
N LEU A 211 -15.84 19.23 9.60
CA LEU A 211 -14.85 19.94 8.79
C LEU A 211 -15.53 20.94 7.85
N GLU A 212 -16.63 20.54 7.22
CA GLU A 212 -17.35 21.46 6.36
C GLU A 212 -17.95 22.63 7.13
N GLU A 213 -18.22 22.44 8.43
CA GLU A 213 -18.64 23.55 9.26
C GLU A 213 -17.47 24.45 9.62
N MET A 214 -16.31 23.85 9.91
CA MET A 214 -15.12 24.65 10.22
C MET A 214 -14.61 25.37 8.98
N MET A 215 -14.67 24.72 7.82
CA MET A 215 -14.23 25.37 6.59
C MET A 215 -15.18 26.49 6.20
N THR A 216 -16.49 26.29 6.37
CA THR A 216 -17.45 27.34 6.06
C THR A 216 -17.29 28.52 7.00
N ALA A 217 -16.94 28.27 8.26
CA ALA A 217 -16.84 29.36 9.23
C ALA A 217 -15.64 30.26 8.96
N CYS A 218 -14.57 29.72 8.35
CA CYS A 218 -13.36 30.49 8.10
C CYS A 218 -13.16 30.81 6.62
N GLN A 219 -14.24 30.83 5.83
CA GLN A 219 -14.14 31.26 4.44
C GLN A 219 -13.87 32.76 4.39
N GLY A 220 -13.06 33.17 3.42
CA GLY A 220 -12.72 34.57 3.26
C GLY A 220 -12.69 35.03 1.82
#